data_8CZC
#
_entry.id   8CZC
#
_entity_poly.entity_id   1
_entity_poly.type   'polypeptide(L)'
_entity_poly.pdbx_seq_one_letter_code
;GVGRVAFVFPGQGTQWAGMGAELLDSSAVFAAAMAECEAALSPYVDWSLEAVVRQAPGAPTLERVDVVQPVTFAVMVSLA
RVWQHHGVTPQAVVGHSQGEIAAAYVAGALSLDDAARVVTLRSKSIAAHLAGKGGMLSLALSEDAVLERLAGFDGLSVAA
VNGPTATVVSGDPVQIEELARACEADGVRARVIPVDYASHSRQVEIIESELAEVLAGLSPQAPRVPFFSTLEGAWITEPV
LDGGYWYRNLRHRVGFAPAVETLATDEGFTHFVEVSAHPVLTMALPGTVTGLATLRRDNGGQDRLVASLAEAWAN
;
_entity_poly.pdbx_strand_id   B
#
# COMPACT_ATOMS: atom_id res chain seq x y z
N GLY A 1 -4.12 26.43 8.11
CA GLY A 1 -3.58 25.88 6.86
C GLY A 1 -4.19 24.51 6.55
N VAL A 2 -5.02 24.44 5.50
CA VAL A 2 -5.64 23.15 5.09
C VAL A 2 -5.41 22.96 3.58
N GLY A 3 -5.55 24.02 2.80
CA GLY A 3 -5.33 23.95 1.35
C GLY A 3 -5.95 22.70 0.75
N ARG A 4 -5.11 21.71 0.41
CA ARG A 4 -5.60 20.49 -0.23
C ARG A 4 -5.36 19.25 0.62
N VAL A 5 -6.21 18.19 0.37
CA VAL A 5 -6.13 16.94 1.10
C VAL A 5 -5.72 15.83 0.14
N ALA A 6 -4.84 14.97 0.60
CA ALA A 6 -4.44 13.78 -0.14
C ALA A 6 -4.78 12.53 0.66
N PHE A 7 -5.34 11.54 -0.02
CA PHE A 7 -5.57 10.22 0.53
C PHE A 7 -4.36 9.34 0.27
N VAL A 8 -3.73 8.86 1.33
CA VAL A 8 -2.55 8.01 1.26
C VAL A 8 -2.99 6.56 1.37
N PHE A 9 -2.53 5.73 0.45
CA PHE A 9 -2.84 4.31 0.47
C PHE A 9 -1.56 3.52 0.64
N PRO A 10 -1.27 3.00 1.82
CA PRO A 10 0.03 2.38 2.08
C PRO A 10 0.11 0.97 1.51
N GLY A 11 1.27 0.36 1.68
CA GLY A 11 1.52 -0.95 1.12
C GLY A 11 1.54 -2.07 2.13
N GLN A 12 2.70 -2.33 2.72
CA GLN A 12 2.85 -3.43 3.64
C GLN A 12 2.84 -2.94 5.08
N GLY A 13 2.59 -3.87 6.00
CA GLY A 13 2.62 -3.58 7.42
C GLY A 13 1.36 -2.97 7.98
N THR A 14 0.30 -2.89 7.19
CA THR A 14 -0.95 -2.31 7.64
C THR A 14 -1.99 -3.36 8.02
N GLN A 15 -1.68 -4.63 7.83
CA GLN A 15 -2.65 -5.68 8.06
C GLN A 15 -2.64 -6.12 9.53
N TRP A 16 -3.78 -6.62 9.97
CA TRP A 16 -3.92 -7.25 11.27
C TRP A 16 -5.18 -8.09 11.24
N ALA A 17 -5.14 -9.23 11.95
CA ALA A 17 -6.24 -10.17 11.92
C ALA A 17 -7.48 -9.53 12.55
N GLY A 18 -8.53 -9.40 11.76
CA GLY A 18 -9.76 -8.78 12.22
C GLY A 18 -9.91 -7.32 11.87
N MET A 19 -9.28 -6.84 10.82
CA MET A 19 -9.39 -5.43 10.46
C MET A 19 -10.67 -5.20 9.67
N GLY A 20 -11.51 -4.31 10.19
CA GLY A 20 -12.81 -4.07 9.61
C GLY A 20 -13.91 -4.97 10.11
N ALA A 21 -13.61 -5.93 10.98
CA ALA A 21 -14.64 -6.82 11.50
C ALA A 21 -15.64 -6.06 12.36
N GLU A 22 -15.16 -5.25 13.30
CA GLU A 22 -16.05 -4.40 14.07
C GLU A 22 -16.67 -3.31 13.21
N LEU A 23 -15.98 -2.89 12.17
CA LEU A 23 -16.49 -1.84 11.29
C LEU A 23 -17.53 -2.36 10.32
N LEU A 24 -17.46 -3.66 9.97
CA LEU A 24 -18.52 -4.27 9.18
C LEU A 24 -19.86 -4.20 9.90
N ASP A 25 -19.84 -4.25 11.23
CA ASP A 25 -21.07 -4.14 11.99
C ASP A 25 -21.42 -2.69 12.25
N SER A 26 -20.42 -1.87 12.57
CA SER A 26 -20.68 -0.49 12.97
C SER A 26 -21.07 0.41 11.81
N SER A 27 -20.38 0.36 10.68
CA SER A 27 -20.55 1.33 9.60
C SER A 27 -21.25 0.68 8.42
N ALA A 28 -22.43 1.21 8.06
CA ALA A 28 -23.18 0.65 6.94
C ALA A 28 -22.54 0.97 5.61
N VAL A 29 -21.89 2.12 5.50
CA VAL A 29 -21.16 2.47 4.29
C VAL A 29 -19.96 1.56 4.12
N PHE A 30 -19.23 1.30 5.21
CA PHE A 30 -18.09 0.40 5.14
C PHE A 30 -18.53 -1.01 4.75
N ALA A 31 -19.64 -1.48 5.32
CA ALA A 31 -20.11 -2.82 5.00
C ALA A 31 -20.60 -2.90 3.57
N ALA A 32 -21.27 -1.87 3.09
CA ALA A 32 -21.69 -1.82 1.69
C ALA A 32 -20.49 -1.87 0.76
N ALA A 33 -19.46 -1.08 1.08
CA ALA A 33 -18.26 -1.05 0.24
C ALA A 33 -17.53 -2.37 0.30
N MET A 34 -17.50 -3.02 1.46
CA MET A 34 -16.80 -4.29 1.57
C MET A 34 -17.55 -5.39 0.85
N ALA A 35 -18.88 -5.32 0.83
CA ALA A 35 -19.66 -6.27 0.05
C ALA A 35 -19.43 -6.06 -1.44
N GLU A 36 -19.35 -4.80 -1.87
CA GLU A 36 -19.04 -4.52 -3.27
C GLU A 36 -17.65 -5.04 -3.63
N CYS A 37 -16.67 -4.85 -2.75
CA CYS A 37 -15.32 -5.35 -3.00
C CYS A 37 -15.28 -6.87 -3.01
N GLU A 38 -16.08 -7.52 -2.16
CA GLU A 38 -16.15 -8.97 -2.16
C GLU A 38 -16.75 -9.47 -3.46
N ALA A 39 -17.79 -8.80 -3.96
CA ALA A 39 -18.35 -9.14 -5.26
C ALA A 39 -17.31 -9.00 -6.36
N ALA A 40 -16.49 -7.94 -6.27
CA ALA A 40 -15.46 -7.72 -7.28
C ALA A 40 -14.36 -8.77 -7.19
N LEU A 41 -14.02 -9.21 -5.98
CA LEU A 41 -12.89 -10.11 -5.78
C LEU A 41 -13.26 -11.56 -6.07
N SER A 42 -14.52 -11.93 -5.84
CA SER A 42 -14.92 -13.34 -5.86
C SER A 42 -14.55 -14.10 -7.13
N PRO A 43 -14.60 -13.53 -8.33
CA PRO A 43 -14.20 -14.32 -9.51
C PRO A 43 -12.72 -14.68 -9.57
N TYR A 44 -11.97 -14.50 -8.49
CA TYR A 44 -10.54 -14.79 -8.50
C TYR A 44 -10.02 -15.47 -7.24
N VAL A 45 -10.56 -15.14 -6.08
CA VAL A 45 -9.89 -15.42 -4.82
C VAL A 45 -10.14 -16.83 -4.28
N ASP A 46 -11.23 -17.49 -4.69
CA ASP A 46 -11.62 -18.81 -4.18
C ASP A 46 -12.13 -18.75 -2.75
N TRP A 47 -11.59 -17.86 -1.92
CA TRP A 47 -12.11 -17.71 -0.57
C TRP A 47 -13.17 -16.60 -0.53
N SER A 48 -13.56 -16.24 0.69
CA SER A 48 -14.56 -15.20 0.92
C SER A 48 -13.93 -14.05 1.69
N LEU A 49 -14.13 -12.83 1.20
CA LEU A 49 -13.55 -11.67 1.86
C LEU A 49 -14.09 -11.50 3.26
N GLU A 50 -15.42 -11.56 3.40
CA GLU A 50 -16.04 -11.35 4.71
C GLU A 50 -15.64 -12.46 5.67
N ALA A 51 -15.50 -13.69 5.17
CA ALA A 51 -15.07 -14.79 6.03
C ALA A 51 -13.67 -14.54 6.57
N VAL A 52 -12.77 -14.05 5.73
CA VAL A 52 -11.41 -13.75 6.20
C VAL A 52 -11.43 -12.60 7.18
N VAL A 53 -12.30 -11.61 6.94
CA VAL A 53 -12.34 -10.45 7.82
C VAL A 53 -12.98 -10.82 9.16
N ARG A 54 -14.09 -11.56 9.11
CA ARG A 54 -14.71 -12.04 10.33
C ARG A 54 -13.99 -13.24 10.93
N GLN A 55 -12.87 -13.67 10.32
CA GLN A 55 -12.05 -14.75 10.83
C GLN A 55 -12.88 -16.01 11.03
N ALA A 56 -13.74 -16.30 10.06
CA ALA A 56 -14.51 -17.53 10.05
C ALA A 56 -13.57 -18.74 10.11
N PRO A 57 -14.07 -19.88 10.59
CA PRO A 57 -13.17 -21.04 10.77
C PRO A 57 -12.55 -21.55 9.48
N GLY A 58 -13.32 -21.69 8.41
CA GLY A 58 -12.79 -22.19 7.17
C GLY A 58 -12.17 -21.16 6.26
N ALA A 59 -11.71 -20.04 6.79
CA ALA A 59 -11.14 -18.99 5.96
C ALA A 59 -9.63 -18.92 6.12
N PRO A 60 -8.93 -18.40 5.11
CA PRO A 60 -7.50 -18.14 5.28
C PRO A 60 -7.25 -17.09 6.36
N THR A 61 -6.08 -17.18 6.97
CA THR A 61 -5.74 -16.38 8.13
C THR A 61 -4.75 -15.27 7.84
N LEU A 62 -4.85 -14.63 6.66
CA LEU A 62 -4.01 -13.52 6.24
C LEU A 62 -2.52 -13.84 6.27
N GLU A 63 -2.13 -15.11 6.44
CA GLU A 63 -0.72 -15.46 6.48
C GLU A 63 -0.07 -15.40 5.10
N ARG A 64 -0.82 -15.64 4.03
CA ARG A 64 -0.27 -15.66 2.69
C ARG A 64 -0.54 -14.34 1.98
N VAL A 65 0.29 -14.03 0.98
CA VAL A 65 0.20 -12.75 0.29
C VAL A 65 -1.07 -12.69 -0.55
N ASP A 66 -1.37 -13.76 -1.28
CA ASP A 66 -2.51 -13.80 -2.17
C ASP A 66 -3.83 -13.63 -1.44
N VAL A 67 -3.80 -13.60 -0.12
CA VAL A 67 -4.98 -13.26 0.67
C VAL A 67 -4.84 -11.86 1.26
N VAL A 68 -3.68 -11.57 1.85
CA VAL A 68 -3.53 -10.36 2.65
C VAL A 68 -3.56 -9.12 1.78
N GLN A 69 -3.15 -9.25 0.51
CA GLN A 69 -3.13 -8.07 -0.34
C GLN A 69 -4.51 -7.70 -0.86
N PRO A 70 -5.32 -8.61 -1.39
CA PRO A 70 -6.69 -8.21 -1.77
C PRO A 70 -7.55 -7.81 -0.58
N VAL A 71 -7.30 -8.37 0.60
CA VAL A 71 -8.05 -7.97 1.79
C VAL A 71 -7.68 -6.55 2.20
N THR A 72 -6.40 -6.22 2.16
CA THR A 72 -5.97 -4.86 2.46
C THR A 72 -6.49 -3.89 1.43
N PHE A 73 -6.49 -4.30 0.15
CA PHE A 73 -7.08 -3.49 -0.91
C PHE A 73 -8.53 -3.19 -0.62
N ALA A 74 -9.31 -4.21 -0.27
CA ALA A 74 -10.72 -4.02 0.01
C ALA A 74 -10.91 -3.09 1.19
N VAL A 75 -10.14 -3.28 2.26
CA VAL A 75 -10.30 -2.45 3.44
C VAL A 75 -9.97 -0.99 3.13
N MET A 76 -8.93 -0.75 2.32
CA MET A 76 -8.54 0.62 2.00
C MET A 76 -9.56 1.29 1.08
N VAL A 77 -10.04 0.57 0.07
CA VAL A 77 -11.10 1.10 -0.78
C VAL A 77 -12.32 1.46 0.06
N SER A 78 -12.71 0.57 0.96
CA SER A 78 -13.89 0.79 1.77
C SER A 78 -13.69 1.93 2.75
N LEU A 79 -12.48 2.07 3.29
CA LEU A 79 -12.22 3.14 4.25
C LEU A 79 -12.19 4.49 3.56
N ALA A 80 -11.71 4.53 2.32
CA ALA A 80 -11.80 5.75 1.54
C ALA A 80 -13.25 6.10 1.28
N ARG A 81 -14.07 5.10 0.95
CA ARG A 81 -15.50 5.33 0.79
C ARG A 81 -16.11 5.89 2.06
N VAL A 82 -15.69 5.39 3.23
CA VAL A 82 -16.19 5.91 4.50
C VAL A 82 -15.78 7.36 4.70
N TRP A 83 -14.51 7.68 4.43
CA TRP A 83 -14.04 9.06 4.57
C TRP A 83 -14.86 10.00 3.69
N GLN A 84 -15.08 9.61 2.44
CA GLN A 84 -15.84 10.46 1.52
C GLN A 84 -17.29 10.56 1.96
N HIS A 85 -17.80 9.52 2.61
CA HIS A 85 -19.17 9.56 3.11
C HIS A 85 -19.33 10.63 4.18
N HIS A 86 -18.27 10.90 4.93
CA HIS A 86 -18.32 11.83 6.05
C HIS A 86 -17.78 13.20 5.68
N GLY A 87 -17.66 13.52 4.40
CA GLY A 87 -17.32 14.86 3.98
C GLY A 87 -15.89 15.09 3.57
N VAL A 88 -15.05 14.07 3.59
CA VAL A 88 -13.63 14.22 3.30
C VAL A 88 -13.39 13.58 1.94
N THR A 89 -13.56 14.35 0.91
CA THR A 89 -13.14 13.88 -0.40
C THR A 89 -11.69 14.25 -0.64
N PRO A 90 -10.94 13.40 -1.34
CA PRO A 90 -9.51 13.70 -1.57
C PRO A 90 -9.33 14.67 -2.71
N GLN A 91 -8.52 15.70 -2.48
CA GLN A 91 -8.03 16.48 -3.61
C GLN A 91 -7.02 15.71 -4.43
N ALA A 92 -6.31 14.76 -3.81
CA ALA A 92 -5.49 13.84 -4.59
C ALA A 92 -5.39 12.53 -3.84
N VAL A 93 -4.83 11.53 -4.51
CA VAL A 93 -4.54 10.25 -3.90
C VAL A 93 -3.12 9.85 -4.29
N VAL A 94 -2.44 9.23 -3.35
CA VAL A 94 -1.07 8.76 -3.54
C VAL A 94 -0.95 7.41 -2.85
N GLY A 95 -0.38 6.43 -3.54
CA GLY A 95 -0.34 5.08 -3.05
C GLY A 95 1.08 4.60 -2.91
N HIS A 96 1.27 3.65 -2.00
CA HIS A 96 2.58 3.07 -1.73
C HIS A 96 2.53 1.60 -2.09
N SER A 97 3.29 1.22 -3.11
CA SER A 97 3.33 -0.16 -3.59
C SER A 97 1.94 -0.63 -3.98
N GLN A 98 1.48 -1.73 -3.39
CA GLN A 98 0.15 -2.24 -3.66
C GLN A 98 -0.93 -1.21 -3.34
N GLY A 99 -0.70 -0.32 -2.38
CA GLY A 99 -1.63 0.75 -2.11
C GLY A 99 -2.02 1.52 -3.35
N GLU A 100 -1.10 1.63 -4.32
CA GLU A 100 -1.40 2.34 -5.55
C GLU A 100 -2.63 1.77 -6.24
N ILE A 101 -2.77 0.44 -6.28
CA ILE A 101 -3.96 -0.17 -6.82
C ILE A 101 -5.20 0.45 -6.19
N ALA A 102 -5.24 0.47 -4.86
CA ALA A 102 -6.37 1.08 -4.17
C ALA A 102 -6.49 2.55 -4.56
N ALA A 103 -5.38 3.27 -4.56
CA ALA A 103 -5.40 4.65 -5.04
C ALA A 103 -6.01 4.73 -6.43
N ALA A 104 -5.56 3.85 -7.33
CA ALA A 104 -6.02 3.90 -8.70
C ALA A 104 -7.53 3.72 -8.80
N TYR A 105 -8.13 3.08 -7.79
CA TYR A 105 -9.58 2.90 -7.82
C TYR A 105 -10.29 4.13 -7.26
N VAL A 106 -9.75 4.71 -6.19
CA VAL A 106 -10.42 5.85 -5.59
C VAL A 106 -10.23 7.09 -6.44
N ALA A 107 -9.16 7.13 -7.24
CA ALA A 107 -9.00 8.18 -8.24
C ALA A 107 -9.91 8.00 -9.43
N GLY A 108 -10.60 6.87 -9.54
CA GLY A 108 -11.39 6.60 -10.72
C GLY A 108 -10.59 6.08 -11.90
N ALA A 109 -9.28 5.96 -11.78
CA ALA A 109 -8.46 5.47 -12.87
C ALA A 109 -8.82 4.05 -13.27
N LEU A 110 -8.67 3.10 -12.36
CA LEU A 110 -9.10 1.73 -12.61
C LEU A 110 -10.51 1.52 -12.10
N SER A 111 -11.21 0.58 -12.70
CA SER A 111 -12.52 0.15 -12.22
C SER A 111 -12.37 -0.95 -11.18
N LEU A 112 -13.43 -1.16 -10.40
CA LEU A 112 -13.33 -2.10 -9.28
C LEU A 112 -13.08 -3.52 -9.78
N ASP A 113 -13.70 -3.90 -10.90
CA ASP A 113 -13.39 -5.20 -11.48
C ASP A 113 -11.92 -5.29 -11.85
N ASP A 114 -11.39 -4.26 -12.51
CA ASP A 114 -9.98 -4.28 -12.92
C ASP A 114 -9.05 -4.10 -11.73
N ALA A 115 -9.41 -3.25 -10.77
CA ALA A 115 -8.59 -3.11 -9.57
C ALA A 115 -8.50 -4.42 -8.80
N ALA A 116 -9.64 -5.09 -8.62
CA ALA A 116 -9.65 -6.39 -7.98
C ALA A 116 -8.82 -7.40 -8.76
N ARG A 117 -8.94 -7.41 -10.08
CA ARG A 117 -8.14 -8.35 -10.87
C ARG A 117 -6.66 -8.09 -10.67
N VAL A 118 -6.25 -6.82 -10.69
CA VAL A 118 -4.83 -6.48 -10.53
C VAL A 118 -4.34 -6.98 -9.19
N VAL A 119 -5.01 -6.61 -8.10
CA VAL A 119 -4.52 -6.97 -6.77
C VAL A 119 -4.50 -8.49 -6.60
N THR A 120 -5.55 -9.18 -7.04
CA THR A 120 -5.64 -10.62 -6.84
C THR A 120 -4.59 -11.36 -7.65
N LEU A 121 -4.46 -11.02 -8.93
CA LEU A 121 -3.53 -11.77 -9.77
C LEU A 121 -2.08 -11.44 -9.45
N ARG A 122 -1.77 -10.20 -9.12
CA ARG A 122 -0.41 -9.90 -8.71
C ARG A 122 -0.07 -10.62 -7.42
N SER A 123 -1.01 -10.66 -6.46
CA SER A 123 -0.77 -11.38 -5.22
C SER A 123 -0.57 -12.86 -5.45
N LYS A 124 -1.35 -13.44 -6.38
CA LYS A 124 -1.21 -14.86 -6.66
C LYS A 124 0.12 -15.16 -7.35
N SER A 125 0.56 -14.28 -8.25
CA SER A 125 1.88 -14.46 -8.85
C SER A 125 2.97 -14.38 -7.80
N ILE A 126 2.85 -13.42 -6.87
CA ILE A 126 3.82 -13.32 -5.79
C ILE A 126 3.86 -14.60 -4.97
N ALA A 127 2.69 -15.16 -4.67
CA ALA A 127 2.65 -16.38 -3.85
C ALA A 127 3.12 -17.59 -4.65
N ALA A 128 3.01 -17.55 -5.97
CA ALA A 128 3.37 -18.72 -6.77
C ALA A 128 4.83 -18.69 -7.18
N HIS A 129 5.50 -17.54 -7.07
CA HIS A 129 6.90 -17.49 -7.46
C HIS A 129 7.78 -16.65 -6.55
N LEU A 130 7.32 -15.50 -6.06
CA LEU A 130 8.14 -14.66 -5.19
C LEU A 130 8.13 -15.11 -3.74
N ALA A 131 7.08 -15.78 -3.31
CA ALA A 131 6.94 -16.16 -1.90
C ALA A 131 8.05 -17.12 -1.49
N GLY A 132 8.52 -16.95 -0.25
CA GLY A 132 9.55 -17.79 0.32
C GLY A 132 10.90 -17.71 -0.37
N LYS A 133 11.10 -16.76 -1.28
CA LYS A 133 12.34 -16.67 -2.04
C LYS A 133 13.14 -15.42 -1.72
N GLY A 134 12.49 -14.36 -1.22
CA GLY A 134 13.18 -13.11 -1.00
C GLY A 134 13.02 -12.64 0.44
N GLY A 135 13.39 -11.36 0.64
CA GLY A 135 13.28 -10.74 1.94
C GLY A 135 13.36 -9.23 1.81
N MET A 136 12.85 -8.56 2.83
CA MET A 136 12.82 -7.10 2.86
C MET A 136 13.24 -6.64 4.26
N LEU A 137 13.79 -5.43 4.32
CA LEU A 137 14.38 -4.95 5.56
C LEU A 137 14.23 -3.43 5.62
N SER A 138 13.60 -2.95 6.69
CA SER A 138 13.49 -1.51 6.91
C SER A 138 14.67 -1.02 7.73
N LEU A 139 15.27 0.08 7.28
CA LEU A 139 16.42 0.67 7.94
C LEU A 139 16.11 2.12 8.28
N ALA A 140 16.35 2.51 9.53
CA ALA A 140 16.20 3.89 9.92
C ALA A 140 17.43 4.67 9.49
N LEU A 141 17.50 4.99 8.19
CA LEU A 141 18.68 5.61 7.62
C LEU A 141 18.32 6.10 6.23
N SER A 142 18.95 7.21 5.82
CA SER A 142 18.66 7.80 4.53
C SER A 142 19.08 6.87 3.39
N GLU A 143 18.42 7.03 2.25
CA GLU A 143 18.73 6.18 1.10
C GLU A 143 20.08 6.53 0.49
N ASP A 144 20.62 7.71 0.82
CA ASP A 144 21.93 8.08 0.28
C ASP A 144 23.02 7.17 0.79
N ALA A 145 23.09 6.97 2.10
CA ALA A 145 24.08 6.03 2.66
C ALA A 145 23.66 4.60 2.40
N VAL A 146 22.38 4.37 2.16
CA VAL A 146 21.89 3.00 1.98
C VAL A 146 22.26 2.48 0.60
N LEU A 147 22.14 3.32 -0.43
CA LEU A 147 22.62 2.95 -1.75
C LEU A 147 24.12 2.69 -1.75
N GLU A 148 24.83 3.30 -0.81
CA GLU A 148 26.26 3.02 -0.66
C GLU A 148 26.49 1.69 0.03
N ARG A 149 25.75 1.43 1.11
CA ARG A 149 25.91 0.18 1.84
C ARG A 149 25.45 -1.03 1.04
N LEU A 150 24.69 -0.82 -0.04
CA LEU A 150 24.29 -1.93 -0.89
C LEU A 150 25.43 -2.42 -1.77
N ALA A 151 26.60 -1.77 -1.72
CA ALA A 151 27.75 -2.28 -2.44
C ALA A 151 28.14 -3.65 -1.90
N GLY A 152 28.67 -4.49 -2.79
CA GLY A 152 29.00 -5.85 -2.43
C GLY A 152 27.82 -6.78 -2.31
N PHE A 153 26.60 -6.29 -2.55
CA PHE A 153 25.38 -7.08 -2.48
C PHE A 153 24.58 -6.87 -3.75
N ASP A 154 25.00 -7.54 -4.84
CA ASP A 154 24.26 -7.46 -6.09
C ASP A 154 22.83 -7.98 -5.97
N GLY A 155 22.56 -8.86 -5.00
CA GLY A 155 21.23 -9.38 -4.77
C GLY A 155 20.34 -8.52 -3.91
N LEU A 156 20.64 -7.23 -3.78
CA LEU A 156 19.83 -6.31 -3.00
C LEU A 156 19.51 -5.08 -3.83
N SER A 157 18.62 -4.24 -3.28
CA SER A 157 18.24 -2.99 -3.91
C SER A 157 17.48 -2.14 -2.90
N VAL A 158 17.22 -0.89 -3.27
CA VAL A 158 16.37 -0.04 -2.46
C VAL A 158 14.92 -0.22 -2.89
N ALA A 159 14.08 -0.67 -1.97
CA ALA A 159 12.69 -0.93 -2.28
C ALA A 159 11.80 0.29 -2.11
N ALA A 160 12.08 1.11 -1.10
CA ALA A 160 11.23 2.27 -0.84
C ALA A 160 12.00 3.31 -0.06
N VAL A 161 11.74 4.58 -0.36
CA VAL A 161 12.30 5.70 0.40
C VAL A 161 11.10 6.42 1.00
N ASN A 162 10.65 5.97 2.17
CA ASN A 162 9.39 6.39 2.75
C ASN A 162 9.49 7.78 3.37
N GLY A 163 10.63 8.10 3.96
CA GLY A 163 10.89 9.41 4.48
C GLY A 163 12.37 9.70 4.43
N PRO A 164 12.76 10.95 4.71
CA PRO A 164 14.19 11.28 4.71
C PRO A 164 14.93 10.72 5.90
N THR A 165 14.43 9.65 6.51
CA THR A 165 15.06 9.08 7.70
C THR A 165 15.05 7.56 7.69
N ALA A 166 14.15 6.92 6.95
CA ALA A 166 14.03 5.47 6.97
C ALA A 166 13.69 4.95 5.58
N THR A 167 14.56 4.11 5.06
CA THR A 167 14.38 3.47 3.76
C THR A 167 14.04 2.00 3.97
N VAL A 168 13.76 1.33 2.86
CA VAL A 168 13.44 -0.09 2.84
C VAL A 168 14.21 -0.73 1.70
N VAL A 169 15.04 -1.72 2.04
CA VAL A 169 15.79 -2.49 1.07
C VAL A 169 15.08 -3.83 0.87
N SER A 170 15.35 -4.46 -0.27
CA SER A 170 14.71 -5.73 -0.61
C SER A 170 15.62 -6.54 -1.51
N GLY A 171 15.73 -7.82 -1.22
CA GLY A 171 16.53 -8.70 -2.06
C GLY A 171 16.65 -10.08 -1.44
N ASP A 172 17.77 -10.73 -1.75
CA ASP A 172 18.03 -12.09 -1.30
C ASP A 172 18.01 -12.16 0.22
N PRO A 173 17.37 -13.18 0.80
CA PRO A 173 17.23 -13.22 2.27
C PRO A 173 18.57 -13.29 3.00
N VAL A 174 19.53 -14.04 2.47
CA VAL A 174 20.84 -14.14 3.11
C VAL A 174 21.51 -12.78 3.15
N GLN A 175 21.47 -12.04 2.04
CA GLN A 175 22.03 -10.70 2.03
C GLN A 175 21.23 -9.72 2.85
N ILE A 176 19.91 -9.90 2.94
CA ILE A 176 19.11 -9.06 3.83
C ILE A 176 19.57 -9.25 5.26
N GLU A 177 19.78 -10.50 5.68
CA GLU A 177 20.25 -10.76 7.04
C GLU A 177 21.65 -10.24 7.25
N GLU A 178 22.51 -10.35 6.22
CA GLU A 178 23.87 -9.81 6.32
C GLU A 178 23.85 -8.31 6.54
N LEU A 179 23.04 -7.59 5.73
CA LEU A 179 22.94 -6.15 5.89
C LEU A 179 22.33 -5.77 7.24
N ALA A 180 21.35 -6.54 7.71
CA ALA A 180 20.76 -6.26 9.02
C ALA A 180 21.79 -6.42 10.13
N ARG A 181 22.60 -7.48 10.05
CA ARG A 181 23.64 -7.69 11.04
C ARG A 181 24.71 -6.61 10.97
N ALA A 182 25.03 -6.15 9.76
CA ALA A 182 25.99 -5.07 9.61
C ALA A 182 25.47 -3.78 10.23
N CYS A 183 24.17 -3.50 10.05
CA CYS A 183 23.58 -2.32 10.67
C CYS A 183 23.55 -2.46 12.19
N GLU A 184 23.27 -3.67 12.69
CA GLU A 184 23.29 -3.90 14.12
C GLU A 184 24.71 -3.84 14.67
N ALA A 185 25.71 -3.93 13.78
CA ALA A 185 27.10 -3.82 14.23
C ALA A 185 27.51 -2.37 14.45
N ASP A 186 27.00 -1.46 13.63
CA ASP A 186 27.29 -0.03 13.77
C ASP A 186 26.33 0.67 14.73
N GLY A 187 25.51 -0.08 15.45
CA GLY A 187 24.55 0.50 16.37
C GLY A 187 23.42 1.26 15.73
N VAL A 188 22.83 0.74 14.65
CA VAL A 188 21.75 1.44 13.97
C VAL A 188 20.45 0.69 14.19
N ARG A 189 19.34 1.29 13.76
CA ARG A 189 18.04 0.64 13.83
C ARG A 189 17.82 -0.17 12.56
N ALA A 190 17.37 -1.41 12.71
CA ALA A 190 17.11 -2.30 11.59
C ALA A 190 15.95 -3.22 11.95
N ARG A 191 14.93 -3.22 11.09
CA ARG A 191 13.72 -3.99 11.33
C ARG A 191 13.49 -4.91 10.13
N VAL A 192 13.83 -6.19 10.30
CA VAL A 192 13.57 -7.18 9.25
C VAL A 192 12.07 -7.32 9.05
N ILE A 193 11.61 -7.07 7.84
CA ILE A 193 10.18 -7.02 7.55
C ILE A 193 9.63 -8.43 7.37
N PRO A 194 8.55 -8.79 8.08
CA PRO A 194 8.00 -10.15 7.95
C PRO A 194 7.36 -10.41 6.60
N VAL A 195 8.19 -10.60 5.58
CA VAL A 195 7.72 -10.78 4.20
C VAL A 195 8.64 -11.79 3.52
N ASP A 196 8.06 -12.91 3.10
CA ASP A 196 8.82 -14.00 2.48
C ASP A 196 9.25 -13.68 1.06
N TYR A 197 8.69 -12.63 0.47
CA TYR A 197 9.04 -12.26 -0.90
C TYR A 197 9.93 -11.04 -0.85
N ALA A 198 10.32 -10.58 -2.03
CA ALA A 198 11.19 -9.41 -2.18
C ALA A 198 10.63 -8.54 -3.28
N SER A 199 9.69 -7.67 -2.91
CA SER A 199 9.10 -6.77 -3.88
C SER A 199 10.08 -5.67 -4.26
N HIS A 200 9.85 -5.08 -5.43
CA HIS A 200 10.64 -3.97 -5.94
C HIS A 200 12.10 -4.36 -6.16
N SER A 201 12.38 -5.65 -6.14
CA SER A 201 13.72 -6.17 -6.32
C SER A 201 13.90 -6.61 -7.76
N ARG A 202 14.98 -7.36 -8.01
CA ARG A 202 15.19 -7.92 -9.33
C ARG A 202 14.35 -9.17 -9.54
N GLN A 203 14.12 -9.92 -8.46
CA GLN A 203 13.42 -11.20 -8.58
C GLN A 203 12.02 -11.02 -9.15
N VAL A 204 11.43 -9.84 -8.98
CA VAL A 204 10.09 -9.58 -9.51
C VAL A 204 10.06 -9.77 -11.01
N GLU A 205 11.18 -9.56 -11.70
CA GLU A 205 11.23 -9.79 -13.14
C GLU A 205 10.78 -11.20 -13.51
N ILE A 206 11.00 -12.17 -12.61
CA ILE A 206 10.59 -13.54 -12.88
C ILE A 206 9.10 -13.60 -13.19
N ILE A 207 8.28 -12.83 -12.46
CA ILE A 207 6.84 -12.90 -12.66
C ILE A 207 6.37 -12.01 -13.80
N GLU A 208 7.28 -11.29 -14.45
CA GLU A 208 6.88 -10.38 -15.52
C GLU A 208 6.14 -11.12 -16.63
N SER A 209 6.75 -12.19 -17.15
CA SER A 209 6.09 -12.96 -18.20
C SER A 209 4.74 -13.48 -17.75
N GLU A 210 4.53 -13.60 -16.44
CA GLU A 210 3.22 -13.98 -15.93
C GLU A 210 2.29 -12.76 -15.85
N LEU A 211 2.79 -11.65 -15.33
CA LEU A 211 1.93 -10.49 -15.10
C LEU A 211 1.32 -9.98 -16.40
N ALA A 212 2.16 -9.80 -17.42
CA ALA A 212 1.66 -9.34 -18.71
C ALA A 212 0.64 -10.28 -19.32
N GLU A 213 0.60 -11.54 -18.85
CA GLU A 213 -0.36 -12.50 -19.36
C GLU A 213 -1.70 -12.39 -18.64
N VAL A 214 -1.67 -11.94 -17.38
CA VAL A 214 -2.90 -11.92 -16.60
C VAL A 214 -3.47 -10.51 -16.45
N LEU A 215 -2.66 -9.48 -16.71
CA LEU A 215 -3.12 -8.11 -16.62
C LEU A 215 -3.27 -7.44 -17.97
N ALA A 216 -3.28 -8.22 -19.05
CA ALA A 216 -3.25 -7.65 -20.39
C ALA A 216 -4.56 -6.94 -20.74
N GLY A 217 -5.69 -7.46 -20.30
CA GLY A 217 -6.96 -6.91 -20.70
C GLY A 217 -7.40 -5.66 -19.98
N LEU A 218 -6.52 -5.03 -19.22
CA LEU A 218 -6.91 -3.89 -18.41
C LEU A 218 -7.36 -2.73 -19.30
N SER A 219 -8.36 -1.99 -18.82
CA SER A 219 -8.90 -0.83 -19.52
C SER A 219 -8.85 0.38 -18.58
N PRO A 220 -7.68 0.93 -18.32
CA PRO A 220 -7.58 2.10 -17.44
C PRO A 220 -8.26 3.30 -18.05
N GLN A 221 -8.72 4.19 -17.18
CA GLN A 221 -9.42 5.39 -17.58
C GLN A 221 -8.70 6.61 -17.03
N ALA A 222 -9.08 7.77 -17.54
CA ALA A 222 -8.53 9.03 -17.05
C ALA A 222 -8.88 9.20 -15.58
N PRO A 223 -7.92 9.56 -14.74
CA PRO A 223 -8.20 9.70 -13.30
C PRO A 223 -9.11 10.89 -13.03
N ARG A 224 -10.25 10.60 -12.40
CA ARG A 224 -11.15 11.68 -11.98
C ARG A 224 -10.54 12.49 -10.84
N VAL A 225 -10.08 11.85 -9.79
CA VAL A 225 -9.30 12.51 -8.75
C VAL A 225 -7.84 12.48 -9.20
N PRO A 226 -7.07 13.56 -9.01
CA PRO A 226 -5.66 13.51 -9.36
C PRO A 226 -4.95 12.33 -8.68
N PHE A 227 -3.98 11.77 -9.39
CA PHE A 227 -3.32 10.53 -9.00
C PHE A 227 -1.81 10.74 -9.08
N PHE A 228 -1.17 10.99 -7.94
CA PHE A 228 0.27 11.17 -7.91
C PHE A 228 0.92 9.80 -7.81
N SER A 229 1.55 9.36 -8.90
CA SER A 229 2.30 8.12 -8.93
C SER A 229 3.61 8.26 -8.19
N THR A 230 3.86 7.34 -7.26
CA THR A 230 5.17 7.18 -6.64
C THR A 230 6.04 6.19 -7.40
N LEU A 231 5.63 5.81 -8.60
CA LEU A 231 6.48 5.07 -9.52
C LEU A 231 7.04 5.99 -10.60
N GLU A 232 6.15 6.67 -11.32
CA GLU A 232 6.55 7.75 -12.21
C GLU A 232 7.01 8.98 -11.44
N GLY A 233 6.66 9.06 -10.16
CA GLY A 233 7.09 10.17 -9.33
C GLY A 233 6.44 11.49 -9.66
N ALA A 234 5.22 11.47 -10.19
CA ALA A 234 4.59 12.69 -10.67
C ALA A 234 3.12 12.42 -10.93
N TRP A 235 2.42 13.42 -11.47
CA TRP A 235 1.01 13.26 -11.74
C TRP A 235 0.77 12.24 -12.85
N ILE A 236 -0.38 11.59 -12.78
CA ILE A 236 -0.87 10.72 -13.86
C ILE A 236 -2.14 11.34 -14.39
N THR A 237 -2.09 11.84 -15.62
CA THR A 237 -3.24 12.53 -16.20
C THR A 237 -3.74 11.85 -17.47
N GLU A 238 -3.21 10.70 -17.82
CA GLU A 238 -3.60 9.97 -19.01
C GLU A 238 -3.87 8.52 -18.65
N PRO A 239 -4.75 7.84 -19.40
CA PRO A 239 -5.10 6.46 -19.06
C PRO A 239 -3.96 5.48 -19.32
N VAL A 240 -2.85 5.64 -18.59
CA VAL A 240 -1.69 4.76 -18.77
C VAL A 240 -1.45 3.88 -17.56
N LEU A 241 -2.48 3.29 -16.98
CA LEU A 241 -2.32 2.39 -15.84
C LEU A 241 -2.64 0.96 -16.26
N ASP A 242 -2.01 0.49 -17.33
CA ASP A 242 -2.25 -0.86 -17.82
C ASP A 242 -1.39 -1.85 -17.04
N GLY A 243 -1.42 -3.11 -17.47
CA GLY A 243 -0.69 -4.16 -16.77
C GLY A 243 0.80 -3.91 -16.67
N GLY A 244 1.40 -3.31 -17.70
CA GLY A 244 2.80 -2.96 -17.62
C GLY A 244 3.09 -2.00 -16.48
N TYR A 245 2.21 -1.03 -16.27
CA TYR A 245 2.35 -0.12 -15.13
C TYR A 245 2.30 -0.88 -13.82
N TRP A 246 1.43 -1.88 -13.73
CA TRP A 246 1.28 -2.61 -12.48
C TRP A 246 2.42 -3.59 -12.26
N TYR A 247 3.14 -3.94 -13.33
CA TYR A 247 4.40 -4.67 -13.14
C TYR A 247 5.52 -3.73 -12.71
N ARG A 248 5.57 -2.54 -13.32
CA ARG A 248 6.59 -1.56 -12.96
C ARG A 248 6.45 -1.13 -11.51
N ASN A 249 5.22 -0.90 -11.06
CA ASN A 249 4.96 -0.54 -9.68
C ASN A 249 5.54 -1.57 -8.73
N LEU A 250 5.40 -2.85 -9.04
CA LEU A 250 5.87 -3.90 -8.17
C LEU A 250 7.37 -4.16 -8.33
N ARG A 251 7.95 -3.77 -9.46
CA ARG A 251 9.34 -4.08 -9.72
C ARG A 251 10.28 -2.94 -9.36
N HIS A 252 9.81 -1.70 -9.39
CA HIS A 252 10.67 -0.56 -9.18
C HIS A 252 10.44 0.07 -7.81
N ARG A 253 11.30 1.04 -7.48
CA ARG A 253 11.28 1.64 -6.16
C ARG A 253 9.96 2.33 -5.87
N VAL A 254 9.70 2.55 -4.59
CA VAL A 254 8.57 3.38 -4.17
C VAL A 254 9.14 4.75 -3.81
N GLY A 255 8.76 5.77 -4.56
CA GLY A 255 9.20 7.11 -4.27
C GLY A 255 8.19 7.87 -3.45
N PHE A 256 7.99 7.44 -2.21
CA PHE A 256 6.94 8.05 -1.40
C PHE A 256 7.38 9.39 -0.82
N ALA A 257 8.59 9.45 -0.28
CA ALA A 257 9.09 10.74 0.20
C ALA A 257 9.17 11.77 -0.91
N PRO A 258 9.66 11.45 -2.12
CA PRO A 258 9.52 12.41 -3.22
C PRO A 258 8.08 12.84 -3.46
N ALA A 259 7.14 11.90 -3.40
CA ALA A 259 5.74 12.23 -3.62
C ALA A 259 5.23 13.24 -2.59
N VAL A 260 5.56 13.02 -1.32
CA VAL A 260 5.01 13.88 -0.28
C VAL A 260 5.71 15.23 -0.28
N GLU A 261 7.02 15.25 -0.55
CA GLU A 261 7.71 16.53 -0.71
C GLU A 261 7.13 17.32 -1.87
N THR A 262 6.80 16.66 -2.97
CA THR A 262 6.22 17.35 -4.11
C THR A 262 4.84 17.89 -3.78
N LEU A 263 3.97 17.02 -3.26
CA LEU A 263 2.60 17.46 -2.98
C LEU A 263 2.56 18.52 -1.90
N ALA A 264 3.54 18.53 -1.01
CA ALA A 264 3.53 19.48 0.10
C ALA A 264 4.12 20.81 -0.30
N THR A 265 5.32 20.78 -0.89
CA THR A 265 5.98 22.00 -1.32
C THR A 265 5.24 22.67 -2.48
N ASP A 266 4.90 21.89 -3.51
CA ASP A 266 4.35 22.46 -4.74
C ASP A 266 2.83 22.64 -4.67
N GLU A 267 2.08 21.56 -4.80
CA GLU A 267 0.67 21.65 -5.12
C GLU A 267 -0.21 22.03 -3.93
N GLY A 268 0.37 22.41 -2.81
CA GLY A 268 -0.42 22.97 -1.73
C GLY A 268 -1.15 21.98 -0.86
N PHE A 269 -0.71 20.73 -0.85
CA PHE A 269 -1.36 19.72 -0.04
C PHE A 269 -0.88 19.82 1.40
N THR A 270 -1.81 20.05 2.31
CA THR A 270 -1.51 20.28 3.71
C THR A 270 -1.86 19.11 4.60
N HIS A 271 -2.84 18.32 4.23
CA HIS A 271 -3.33 17.22 5.04
C HIS A 271 -3.24 15.93 4.24
N PHE A 272 -2.64 14.92 4.85
CA PHE A 272 -2.53 13.59 4.26
C PHE A 272 -3.31 12.64 5.13
N VAL A 273 -4.38 12.07 4.58
CA VAL A 273 -5.24 11.16 5.30
C VAL A 273 -4.83 9.74 4.92
N GLU A 274 -4.12 9.06 5.81
CA GLU A 274 -3.67 7.71 5.54
C GLU A 274 -4.88 6.77 5.63
N VAL A 275 -5.42 6.39 4.48
CA VAL A 275 -6.57 5.50 4.43
C VAL A 275 -6.00 4.09 4.55
N SER A 276 -5.98 3.58 5.77
CA SER A 276 -5.28 2.35 6.07
C SER A 276 -5.88 1.71 7.32
N ALA A 277 -5.55 0.44 7.53
CA ALA A 277 -5.99 -0.26 8.72
C ALA A 277 -5.04 -0.06 9.88
N HIS A 278 -3.89 0.53 9.64
CA HIS A 278 -2.92 0.86 10.66
C HIS A 278 -1.93 1.86 10.08
N PRO A 279 -1.66 2.97 10.76
CA PRO A 279 -0.76 3.98 10.19
C PRO A 279 0.69 3.50 10.13
N VAL A 280 1.34 3.67 8.98
CA VAL A 280 2.70 3.19 8.79
C VAL A 280 3.49 4.23 7.99
N LEU A 281 2.80 5.29 7.55
CA LEU A 281 3.43 6.28 6.71
C LEU A 281 3.31 7.68 7.29
N THR A 282 2.35 7.89 8.19
CA THR A 282 2.17 9.20 8.79
C THR A 282 3.37 9.62 9.64
N MET A 283 4.11 8.66 10.20
CA MET A 283 5.36 9.00 10.86
C MET A 283 6.52 9.16 9.87
N ALA A 284 6.27 9.79 8.73
CA ALA A 284 7.28 9.95 7.69
C ALA A 284 7.03 11.16 6.81
N LEU A 285 5.85 11.78 6.93
CA LEU A 285 5.58 13.00 6.21
C LEU A 285 6.43 14.13 6.79
N PRO A 286 6.65 15.20 6.03
CA PRO A 286 7.35 16.36 6.58
C PRO A 286 6.65 16.91 7.80
N GLY A 287 7.42 17.61 8.64
CA GLY A 287 6.89 18.10 9.91
C GLY A 287 5.79 19.13 9.78
N THR A 288 5.57 19.66 8.57
CA THR A 288 4.63 20.75 8.42
C THR A 288 3.27 20.30 7.94
N VAL A 289 3.20 19.19 7.22
CA VAL A 289 1.91 18.67 6.78
C VAL A 289 1.27 17.88 7.91
N THR A 290 -0.07 17.91 7.95
CA THR A 290 -0.82 17.15 8.92
C THR A 290 -0.98 15.71 8.41
N GLY A 291 -0.77 14.76 9.30
CA GLY A 291 -1.02 13.35 9.00
C GLY A 291 -2.20 12.85 9.81
N LEU A 292 -3.13 12.19 9.12
CA LEU A 292 -4.36 11.72 9.73
C LEU A 292 -4.53 10.25 9.39
N ALA A 293 -4.48 9.40 10.41
CA ALA A 293 -4.70 7.98 10.20
C ALA A 293 -6.18 7.66 10.23
N THR A 294 -6.51 6.40 9.98
CA THR A 294 -7.89 5.94 10.00
C THR A 294 -8.11 4.94 11.12
N LEU A 295 -7.70 3.70 10.91
CA LEU A 295 -7.78 2.66 11.93
C LEU A 295 -6.39 2.30 12.40
N ARG A 296 -6.32 1.76 13.60
CA ARG A 296 -5.08 1.23 14.16
C ARG A 296 -5.26 -0.25 14.43
N ARG A 297 -4.15 -0.92 14.73
CA ARG A 297 -4.22 -2.35 15.02
C ARG A 297 -5.03 -2.59 16.29
N ASP A 298 -5.99 -3.50 16.18
CA ASP A 298 -6.93 -3.89 17.23
C ASP A 298 -7.86 -2.76 17.65
N ASN A 299 -7.56 -1.51 17.27
CA ASN A 299 -8.49 -0.39 17.40
C ASN A 299 -9.06 -0.14 16.01
N GLY A 300 -10.07 -0.92 15.63
CA GLY A 300 -10.61 -0.79 14.30
C GLY A 300 -12.12 -0.81 14.21
N GLY A 301 -12.80 -0.31 15.24
CA GLY A 301 -14.23 -0.21 15.24
C GLY A 301 -14.71 1.24 15.20
N GLN A 302 -15.96 1.43 15.61
CA GLN A 302 -16.57 2.75 15.50
C GLN A 302 -15.91 3.75 16.43
N ASP A 303 -15.44 3.30 17.59
CA ASP A 303 -14.62 4.16 18.44
C ASP A 303 -13.48 4.78 17.66
N ARG A 304 -12.71 3.95 16.95
CA ARG A 304 -11.55 4.43 16.22
C ARG A 304 -11.97 5.28 15.02
N LEU A 305 -13.08 4.93 14.38
CA LEU A 305 -13.54 5.72 13.25
C LEU A 305 -13.90 7.14 13.68
N VAL A 306 -14.62 7.27 14.79
CA VAL A 306 -14.98 8.59 15.26
C VAL A 306 -13.77 9.33 15.80
N ALA A 307 -12.81 8.62 16.39
CA ALA A 307 -11.58 9.28 16.81
C ALA A 307 -10.83 9.84 15.61
N SER A 308 -10.76 9.08 14.52
CA SER A 308 -10.08 9.56 13.33
C SER A 308 -10.83 10.71 12.67
N LEU A 309 -12.15 10.62 12.61
CA LEU A 309 -12.94 11.73 12.08
C LEU A 309 -12.81 12.97 12.94
N ALA A 310 -12.67 12.79 14.26
CA ALA A 310 -12.49 13.93 15.15
C ALA A 310 -11.13 14.55 14.98
N GLU A 311 -10.10 13.73 14.83
CA GLU A 311 -8.77 14.27 14.58
C GLU A 311 -8.68 14.95 13.23
N ALA A 312 -9.51 14.52 12.28
CA ALA A 312 -9.53 15.17 10.97
C ALA A 312 -10.28 16.49 11.03
N TRP A 313 -11.45 16.49 11.65
CA TRP A 313 -12.27 17.68 11.71
C TRP A 313 -11.66 18.73 12.62
N ALA A 314 -10.96 18.27 13.73
CA ALA A 314 -10.21 19.23 14.58
C ALA A 314 -9.08 19.82 13.72
N ASN A 315 -8.69 19.09 12.67
CA ASN A 315 -7.63 19.58 11.75
C ASN A 315 -8.30 20.41 10.63
#